data_7Q2H
#
_entry.id   7Q2H
#
_cell.length_a   56.619
_cell.length_b   56.619
_cell.length_c   207.667
_cell.angle_alpha   90.00
_cell.angle_beta   90.00
_cell.angle_gamma   120.00
#
_symmetry.space_group_name_H-M   'P 31 2 1'
#
loop_
_entity.id
_entity.type
_entity.pdbx_description
1 polymer 'Hydroxymycolate synthase MmaA4'
2 non-polymer O-TOLUENESULFONAMIDE
3 non-polymer 'DIMETHYL SULFOXIDE'
4 non-polymer 1,2-ETHANEDIOL
5 water water
#
_entity_poly.entity_id   1
_entity_poly.type   'polypeptide(L)'
_entity_poly.pdbx_seq_one_letter_code
;MGSSHYHHHHSSGLVPRGSHMAEKPISPTKTRTRFEDIQAHYDVSDDFFALFQDPTRTYSCAYFEPPELTLEEAQYAKVD
LNLDKLDLKPGMTLLDIGCGWGTTMRRAVERFDVNVIGLTLSKNQHARCEQVLASIDTNRSRQVLLQGWEDFAEPVDRIV
SIEAFEHFGHENYDDFFKRCFNIMPADGRMTVQSSVSYHPYEMAARGKKLSFETARFIKFIVTEIFPGGRLPSTEMMVEH
GEKAGFTVPEPLSLRPHYIKTLRIWGDTLQSNKDKAIEVTSEEVYNRYMKYLRGCEHYFTDEMLDCSLVTYLKPGAAA
;
_entity_poly.pdbx_strand_id   A
#
# COMPACT_ATOMS: atom_id res chain seq x y z
N GLU A 36 17.04 -0.88 16.22
CA GLU A 36 16.52 0.49 16.52
C GLU A 36 17.36 1.52 15.76
N ASP A 37 18.58 1.77 16.21
CA ASP A 37 19.58 2.67 15.55
C ASP A 37 20.09 1.98 14.28
N ILE A 38 20.10 0.63 14.27
CA ILE A 38 20.53 -0.20 13.10
C ILE A 38 19.53 -0.01 11.96
N GLN A 39 18.23 -0.08 12.25
CA GLN A 39 17.14 0.13 11.27
C GLN A 39 17.22 1.56 10.69
N ALA A 40 17.59 2.53 11.52
CA ALA A 40 17.64 3.97 11.17
C ALA A 40 18.69 4.23 10.07
N HIS A 41 19.65 3.31 9.90
CA HIS A 41 20.68 3.34 8.82
C HIS A 41 20.01 3.38 7.43
N TYR A 42 18.81 2.79 7.31
CA TYR A 42 18.09 2.59 6.03
C TYR A 42 17.05 3.71 5.82
N ASP A 43 17.06 4.74 6.66
CA ASP A 43 16.26 5.97 6.44
C ASP A 43 16.72 6.60 5.12
N VAL A 44 15.78 6.88 4.21
CA VAL A 44 16.07 7.54 2.90
C VAL A 44 15.15 8.76 2.78
N SER A 45 15.70 9.90 2.35
CA SER A 45 14.97 11.19 2.22
C SER A 45 13.93 11.07 1.11
N ASP A 46 12.82 11.80 1.26
CA ASP A 46 11.69 11.81 0.28
C ASP A 46 12.22 12.14 -1.12
N ASP A 47 13.27 12.95 -1.21
CA ASP A 47 13.84 13.49 -2.48
C ASP A 47 14.31 12.35 -3.38
N PHE A 48 14.86 11.28 -2.80
CA PHE A 48 15.37 10.08 -3.52
C PHE A 48 14.22 9.36 -4.23
N PHE A 49 13.12 9.15 -3.52
CA PHE A 49 11.91 8.45 -4.02
C PHE A 49 11.32 9.21 -5.21
N ALA A 50 11.41 10.55 -5.19
CA ALA A 50 10.91 11.44 -6.26
C ALA A 50 11.65 11.15 -7.58
N LEU A 51 12.86 10.58 -7.52
CA LEU A 51 13.72 10.34 -8.71
C LEU A 51 13.41 8.99 -9.38
N PHE A 52 12.50 8.17 -8.83
CA PHE A 52 12.04 6.93 -9.51
C PHE A 52 10.51 6.86 -9.60
N GLN A 53 9.78 7.67 -8.83
CA GLN A 53 8.29 7.61 -8.78
C GLN A 53 7.70 8.61 -9.77
N ASP A 54 6.42 8.44 -10.09
CA ASP A 54 5.63 9.34 -10.96
C ASP A 54 5.42 10.66 -10.23
N PRO A 55 4.90 11.72 -10.89
CA PRO A 55 4.71 13.01 -10.23
C PRO A 55 3.82 13.01 -8.97
N THR A 56 2.94 12.01 -8.79
CA THR A 56 2.07 11.88 -7.58
C THR A 56 2.88 11.29 -6.41
N ARG A 57 4.08 10.77 -6.67
CA ARG A 57 4.97 10.19 -5.63
C ARG A 57 4.28 8.98 -4.98
N THR A 58 3.53 8.20 -5.77
CA THR A 58 2.80 7.01 -5.27
C THR A 58 3.78 5.84 -5.12
N TYR A 59 3.95 5.32 -3.91
CA TYR A 59 4.90 4.23 -3.58
C TYR A 59 4.14 2.93 -3.42
N SER A 60 3.43 2.53 -4.48
CA SER A 60 2.62 1.29 -4.52
C SER A 60 2.35 0.89 -5.97
N CYS A 61 1.86 -0.33 -6.14
CA CYS A 61 1.56 -0.94 -7.46
C CYS A 61 0.55 -0.06 -8.21
N ALA A 62 0.87 0.33 -9.45
CA ALA A 62 -0.06 1.04 -10.37
C ALA A 62 -1.00 0.01 -11.01
N TYR A 63 -2.01 0.48 -11.73
CA TYR A 63 -3.03 -0.37 -12.40
C TYR A 63 -3.14 0.07 -13.87
N PHE A 64 -2.45 -0.65 -14.75
CA PHE A 64 -2.36 -0.37 -16.20
C PHE A 64 -3.57 -0.99 -16.90
N GLU A 65 -4.73 -0.36 -16.73
CA GLU A 65 -6.00 -0.65 -17.46
C GLU A 65 -6.62 0.67 -17.90
N PRO A 66 -6.59 1.02 -19.20
CA PRO A 66 -6.03 0.16 -20.24
C PRO A 66 -4.52 0.00 -20.18
N PRO A 67 -3.92 -1.00 -20.86
CA PRO A 67 -2.48 -1.25 -20.81
C PRO A 67 -1.58 -0.08 -21.22
N GLU A 68 -2.10 0.88 -21.99
CA GLU A 68 -1.32 1.98 -22.60
C GLU A 68 -1.24 3.19 -21.65
N LEU A 69 -1.86 3.12 -20.47
CA LEU A 69 -1.78 4.21 -19.45
C LEU A 69 -0.31 4.49 -19.12
N THR A 70 0.03 5.77 -18.91
CA THR A 70 1.31 6.19 -18.29
C THR A 70 1.30 5.74 -16.83
N LEU A 71 2.46 5.69 -16.18
CA LEU A 71 2.57 5.31 -14.75
C LEU A 71 1.67 6.23 -13.92
N GLU A 72 1.73 7.55 -14.15
CA GLU A 72 0.92 8.55 -13.42
C GLU A 72 -0.57 8.22 -13.61
N GLU A 73 -1.01 7.98 -14.84
CA GLU A 73 -2.42 7.63 -15.16
C GLU A 73 -2.79 6.32 -14.45
N ALA A 74 -1.89 5.33 -14.47
CA ALA A 74 -2.10 4.00 -13.88
C ALA A 74 -2.18 4.10 -12.35
N GLN A 75 -1.51 5.08 -11.74
CA GLN A 75 -1.58 5.29 -10.26
C GLN A 75 -2.97 5.83 -9.92
N TYR A 76 -3.54 6.71 -10.73
CA TYR A 76 -4.94 7.19 -10.54
C TYR A 76 -5.90 6.03 -10.76
N ALA A 77 -5.64 5.17 -11.76
CA ALA A 77 -6.47 3.98 -12.07
C ALA A 77 -6.47 3.03 -10.87
N LYS A 78 -5.32 2.85 -10.20
CA LYS A 78 -5.20 1.99 -8.99
C LYS A 78 -6.04 2.58 -7.86
N VAL A 79 -6.00 3.90 -7.66
CA VAL A 79 -6.83 4.57 -6.61
C VAL A 79 -8.30 4.26 -6.91
N ASP A 80 -8.73 4.43 -8.17
CA ASP A 80 -10.13 4.21 -8.61
C ASP A 80 -10.51 2.74 -8.43
N LEU A 81 -9.60 1.81 -8.76
CA LEU A 81 -9.81 0.34 -8.59
C LEU A 81 -10.20 0.05 -7.14
N ASN A 82 -9.45 0.62 -6.18
CA ASN A 82 -9.70 0.47 -4.72
C ASN A 82 -11.03 1.14 -4.35
N LEU A 83 -11.20 2.42 -4.68
CA LEU A 83 -12.39 3.20 -4.21
C LEU A 83 -13.68 2.62 -4.80
N ASP A 84 -13.65 2.13 -6.04
CA ASP A 84 -14.85 1.61 -6.75
C ASP A 84 -15.36 0.33 -6.07
N LYS A 85 -14.55 -0.32 -5.24
CA LYS A 85 -14.96 -1.55 -4.50
C LYS A 85 -15.69 -1.23 -3.20
N LEU A 86 -15.75 0.04 -2.76
CA LEU A 86 -16.09 0.39 -1.36
C LEU A 86 -17.55 0.88 -1.21
N ASP A 87 -18.36 0.92 -2.26
CA ASP A 87 -19.78 1.33 -2.16
C ASP A 87 -19.87 2.68 -1.42
N LEU A 88 -19.12 3.68 -1.89
CA LEU A 88 -19.06 5.03 -1.27
C LEU A 88 -20.25 5.85 -1.75
N LYS A 89 -20.98 6.45 -0.81
CA LYS A 89 -22.14 7.33 -1.08
C LYS A 89 -21.84 8.70 -0.50
N PRO A 90 -22.39 9.80 -1.08
CA PRO A 90 -22.11 11.14 -0.55
C PRO A 90 -22.41 11.23 0.95
N GLY A 91 -21.56 11.92 1.70
CA GLY A 91 -21.75 12.20 3.13
C GLY A 91 -21.20 11.10 4.02
N MET A 92 -20.77 9.98 3.45
CA MET A 92 -20.03 8.93 4.20
C MET A 92 -18.67 9.48 4.62
N THR A 93 -18.00 8.80 5.56
CA THR A 93 -16.62 9.06 5.98
C THR A 93 -15.76 7.88 5.56
N LEU A 94 -14.74 8.15 4.73
CA LEU A 94 -13.71 7.16 4.32
C LEU A 94 -12.49 7.35 5.21
N LEU A 95 -12.01 6.26 5.81
CA LEU A 95 -10.72 6.20 6.53
C LEU A 95 -9.66 5.68 5.56
N ASP A 96 -8.57 6.42 5.40
CA ASP A 96 -7.39 5.96 4.63
C ASP A 96 -6.30 5.63 5.63
N ILE A 97 -6.02 4.34 5.83
CA ILE A 97 -4.95 3.89 6.76
C ILE A 97 -3.65 3.83 5.96
N GLY A 98 -2.74 4.79 6.21
CA GLY A 98 -1.51 4.97 5.43
C GLY A 98 -1.78 5.86 4.23
N CYS A 99 -2.15 7.11 4.49
CA CYS A 99 -2.77 8.02 3.48
C CYS A 99 -1.71 8.64 2.56
N GLY A 100 -0.42 8.38 2.77
CA GLY A 100 0.65 8.81 1.86
C GLY A 100 0.65 10.31 1.66
N TRP A 101 0.69 10.75 0.40
CA TRP A 101 0.72 12.19 0.02
C TRP A 101 -0.68 12.73 -0.22
N GLY A 102 -1.73 11.93 0.05
CA GLY A 102 -3.13 12.39 0.12
C GLY A 102 -3.88 12.20 -1.19
N THR A 103 -3.28 11.53 -2.17
CA THR A 103 -3.87 11.34 -3.53
C THR A 103 -5.20 10.59 -3.42
N THR A 104 -5.23 9.48 -2.65
CA THR A 104 -6.43 8.63 -2.48
C THR A 104 -7.56 9.45 -1.83
N MET A 105 -7.26 10.18 -0.75
CA MET A 105 -8.30 10.95 0.00
C MET A 105 -8.87 12.04 -0.90
N ARG A 106 -8.03 12.77 -1.63
CA ARG A 106 -8.48 13.86 -2.54
C ARG A 106 -9.41 13.26 -3.60
N ARG A 107 -9.00 12.15 -4.22
CA ARG A 107 -9.78 11.46 -5.27
C ARG A 107 -11.16 11.07 -4.71
N ALA A 108 -11.19 10.56 -3.48
CA ALA A 108 -12.43 10.13 -2.80
C ALA A 108 -13.38 11.33 -2.64
N VAL A 109 -12.86 12.45 -2.13
CA VAL A 109 -13.69 13.67 -1.89
C VAL A 109 -14.25 14.13 -3.25
N GLU A 110 -13.38 14.21 -4.27
CA GLU A 110 -13.74 14.74 -5.61
C GLU A 110 -14.78 13.83 -6.29
N ARG A 111 -14.53 12.52 -6.32
CA ARG A 111 -15.37 11.56 -7.08
C ARG A 111 -16.65 11.21 -6.32
N PHE A 112 -16.60 11.08 -4.99
CA PHE A 112 -17.69 10.46 -4.19
C PHE A 112 -18.34 11.44 -3.21
N ASP A 113 -17.81 12.66 -3.07
CA ASP A 113 -18.37 13.71 -2.18
C ASP A 113 -18.47 13.16 -0.75
N VAL A 114 -17.38 12.59 -0.24
CA VAL A 114 -17.31 11.96 1.11
C VAL A 114 -16.40 12.80 2.01
N ASN A 115 -16.61 12.70 3.32
CA ASN A 115 -15.65 13.13 4.36
C ASN A 115 -14.49 12.14 4.35
N VAL A 116 -13.29 12.59 4.74
CA VAL A 116 -12.09 11.71 4.78
C VAL A 116 -11.34 11.93 6.10
N ILE A 117 -10.79 10.84 6.62
CA ILE A 117 -9.80 10.81 7.72
C ILE A 117 -8.61 10.00 7.22
N GLY A 118 -7.41 10.56 7.29
CA GLY A 118 -6.15 9.90 6.93
C GLY A 118 -5.30 9.63 8.15
N LEU A 119 -4.69 8.44 8.22
CA LEU A 119 -3.67 8.10 9.24
C LEU A 119 -2.32 7.96 8.54
N THR A 120 -1.29 8.65 9.05
CA THR A 120 0.11 8.53 8.59
C THR A 120 1.04 8.63 9.80
N LEU A 121 2.20 8.00 9.74
CA LEU A 121 3.24 8.13 10.80
C LEU A 121 4.41 8.99 10.28
N SER A 122 4.31 9.53 9.06
CA SER A 122 5.31 10.46 8.46
C SER A 122 4.89 11.91 8.67
N LYS A 123 5.73 12.71 9.35
CA LYS A 123 5.49 14.15 9.61
C LYS A 123 5.37 14.90 8.28
N ASN A 124 6.25 14.60 7.31
CA ASN A 124 6.27 15.23 5.96
C ASN A 124 4.95 14.94 5.24
N GLN A 125 4.50 13.68 5.24
CA GLN A 125 3.23 13.26 4.58
C GLN A 125 2.05 13.94 5.27
N HIS A 126 2.04 14.01 6.61
CA HIS A 126 0.96 14.68 7.39
C HIS A 126 0.79 16.12 6.90
N ALA A 127 1.90 16.87 6.80
CA ALA A 127 1.94 18.29 6.37
C ALA A 127 1.39 18.42 4.94
N ARG A 128 1.87 17.59 4.02
CA ARG A 128 1.45 17.63 2.59
C ARG A 128 -0.05 17.30 2.51
N CYS A 129 -0.52 16.27 3.22
CA CYS A 129 -1.93 15.85 3.23
C CYS A 129 -2.84 16.99 3.69
N GLU A 130 -2.44 17.68 4.76
CA GLU A 130 -3.23 18.82 5.31
C GLU A 130 -3.41 19.86 4.20
N GLN A 131 -2.34 20.17 3.45
CA GLN A 131 -2.39 21.20 2.40
C GLN A 131 -3.20 20.68 1.19
N VAL A 132 -2.98 19.43 0.79
CA VAL A 132 -3.76 18.80 -0.31
C VAL A 132 -5.26 18.89 0.03
N LEU A 133 -5.66 18.49 1.24
CA LEU A 133 -7.10 18.44 1.62
C LEU A 133 -7.66 19.86 1.74
N ALA A 134 -6.92 20.79 2.34
CA ALA A 134 -7.35 22.19 2.51
C ALA A 134 -7.58 22.82 1.12
N SER A 135 -6.79 22.42 0.12
CA SER A 135 -6.84 22.98 -1.26
C SER A 135 -8.16 22.60 -1.96
N ILE A 136 -8.81 21.51 -1.55
CA ILE A 136 -10.03 20.99 -2.24
C ILE A 136 -11.18 21.96 -2.02
N ASP A 137 -11.91 22.30 -3.07
CA ASP A 137 -13.13 23.13 -3.00
C ASP A 137 -14.29 22.22 -2.56
N THR A 138 -14.53 22.14 -1.25
CA THR A 138 -15.57 21.26 -0.63
C THR A 138 -15.94 21.80 0.75
N ASN A 139 -17.11 21.42 1.26
CA ASN A 139 -17.54 21.64 2.66
C ASN A 139 -17.44 20.33 3.45
N ARG A 140 -17.02 19.23 2.80
CA ARG A 140 -16.84 17.92 3.46
C ARG A 140 -15.70 18.04 4.47
N SER A 141 -15.80 17.29 5.56
CA SER A 141 -14.79 17.20 6.65
C SER A 141 -13.55 16.48 6.10
N ARG A 142 -12.36 17.03 6.36
CA ARG A 142 -11.07 16.46 5.93
C ARG A 142 -10.13 16.53 7.14
N GLN A 143 -9.60 15.38 7.57
N GLN A 143 -9.66 15.38 7.61
CA GLN A 143 -8.73 15.29 8.77
CA GLN A 143 -8.76 15.27 8.79
C GLN A 143 -7.58 14.33 8.49
C GLN A 143 -7.56 14.41 8.42
N VAL A 144 -6.36 14.74 8.83
N VAL A 144 -6.38 14.78 8.92
CA VAL A 144 -5.15 13.86 8.79
CA VAL A 144 -5.15 13.94 8.83
C VAL A 144 -4.57 13.79 10.20
C VAL A 144 -4.59 13.80 10.25
N LEU A 145 -4.29 12.57 10.67
CA LEU A 145 -3.79 12.29 12.04
C LEU A 145 -2.42 11.61 11.91
N LEU A 146 -1.45 12.11 12.68
CA LEU A 146 -0.12 11.47 12.84
C LEU A 146 -0.26 10.37 13.91
N GLN A 147 -0.79 9.20 13.53
CA GLN A 147 -0.97 8.07 14.46
C GLN A 147 -1.15 6.76 13.68
N GLY A 148 -0.99 5.64 14.38
CA GLY A 148 -1.35 4.30 13.89
C GLY A 148 -2.84 4.05 14.04
N TRP A 149 -3.33 2.98 13.41
CA TRP A 149 -4.72 2.48 13.55
C TRP A 149 -4.98 1.99 14.99
N GLU A 150 -3.94 1.54 15.70
CA GLU A 150 -4.06 0.96 17.06
C GLU A 150 -4.79 1.95 18.00
N ASP A 151 -4.53 3.24 17.80
CA ASP A 151 -5.02 4.36 18.64
C ASP A 151 -6.30 4.97 18.06
N PHE A 152 -6.74 4.53 16.87
CA PHE A 152 -7.88 5.15 16.16
C PHE A 152 -9.19 4.42 16.51
N ALA A 153 -10.16 5.15 17.04
CA ALA A 153 -11.45 4.58 17.50
C ALA A 153 -12.61 5.53 17.22
N GLU A 154 -12.68 6.07 16.01
CA GLU A 154 -13.81 6.93 15.56
C GLU A 154 -14.64 6.13 14.55
N PRO A 155 -15.99 6.22 14.60
CA PRO A 155 -16.84 5.61 13.58
C PRO A 155 -16.53 6.14 12.17
N VAL A 156 -16.38 5.23 11.21
CA VAL A 156 -16.18 5.55 9.76
C VAL A 156 -17.04 4.57 8.96
N ASP A 157 -17.36 4.91 7.70
CA ASP A 157 -18.27 4.11 6.86
C ASP A 157 -17.47 3.05 6.10
N ARG A 158 -16.31 3.43 5.57
CA ARG A 158 -15.50 2.58 4.66
C ARG A 158 -14.01 2.80 4.99
N ILE A 159 -13.17 1.83 4.65
CA ILE A 159 -11.72 1.89 4.92
C ILE A 159 -10.96 1.49 3.66
N VAL A 160 -9.90 2.25 3.35
CA VAL A 160 -8.93 1.89 2.28
C VAL A 160 -7.53 1.87 2.91
N SER A 161 -6.70 0.92 2.52
CA SER A 161 -5.29 0.85 2.97
C SER A 161 -4.45 0.31 1.83
N ILE A 162 -3.59 1.13 1.24
CA ILE A 162 -2.80 0.76 0.02
C ILE A 162 -1.32 0.68 0.40
N GLU A 163 -0.79 -0.54 0.47
CA GLU A 163 0.63 -0.84 0.77
C GLU A 163 1.10 0.06 1.92
N ALA A 164 0.35 0.07 3.01
CA ALA A 164 0.59 0.94 4.19
C ALA A 164 1.57 0.22 5.12
N PHE A 165 2.84 0.15 4.72
CA PHE A 165 3.85 -0.67 5.42
C PHE A 165 3.85 -0.33 6.93
N GLU A 166 3.81 0.96 7.28
CA GLU A 166 3.94 1.41 8.70
C GLU A 166 2.74 0.95 9.53
N HIS A 167 1.61 0.60 8.87
CA HIS A 167 0.36 0.14 9.54
C HIS A 167 0.16 -1.38 9.39
N PHE A 168 0.43 -1.94 8.21
CA PHE A 168 0.08 -3.35 7.85
C PHE A 168 1.31 -4.25 7.82
N GLY A 169 2.50 -3.72 8.10
CA GLY A 169 3.79 -4.45 7.96
C GLY A 169 4.36 -4.96 9.28
N HIS A 170 3.62 -4.89 10.40
CA HIS A 170 4.11 -5.34 11.73
C HIS A 170 3.10 -6.30 12.38
N GLU A 171 2.48 -7.19 11.59
CA GLU A 171 1.59 -8.26 12.08
C GLU A 171 0.48 -7.64 12.94
N ASN A 172 0.15 -8.22 14.10
CA ASN A 172 -0.95 -7.74 14.98
C ASN A 172 -2.27 -7.76 14.17
N TYR A 173 -2.45 -8.79 13.34
CA TYR A 173 -3.52 -8.82 12.32
C TYR A 173 -4.88 -9.02 13.00
N ASP A 174 -4.95 -9.81 14.08
CA ASP A 174 -6.22 -10.03 14.81
C ASP A 174 -6.74 -8.68 15.31
N ASP A 175 -5.87 -7.87 15.92
CA ASP A 175 -6.25 -6.53 16.44
C ASP A 175 -6.66 -5.62 15.29
N PHE A 176 -5.93 -5.66 14.17
CA PHE A 176 -6.17 -4.79 12.98
C PHE A 176 -7.58 -5.05 12.43
N PHE A 177 -7.91 -6.31 12.15
CA PHE A 177 -9.19 -6.66 11.50
C PHE A 177 -10.36 -6.44 12.49
N LYS A 178 -10.13 -6.66 13.78
CA LYS A 178 -11.16 -6.43 14.84
C LYS A 178 -11.46 -4.92 14.91
N ARG A 179 -10.43 -4.09 14.92
CA ARG A 179 -10.57 -2.60 14.94
C ARG A 179 -11.39 -2.18 13.72
N CYS A 180 -10.98 -2.61 12.53
CA CYS A 180 -11.60 -2.22 11.24
C CYS A 180 -13.08 -2.66 11.23
N PHE A 181 -13.37 -3.87 11.69
CA PHE A 181 -14.75 -4.41 11.75
C PHE A 181 -15.60 -3.54 12.70
N ASN A 182 -15.05 -3.22 13.87
CA ASN A 182 -15.80 -2.56 14.98
C ASN A 182 -16.07 -1.08 14.67
N ILE A 183 -15.23 -0.39 13.88
CA ILE A 183 -15.40 1.08 13.66
C ILE A 183 -16.38 1.33 12.51
N MET A 184 -16.77 0.29 11.78
CA MET A 184 -17.62 0.43 10.56
C MET A 184 -19.06 0.05 10.88
N PRO A 185 -20.02 0.59 10.11
CA PRO A 185 -21.43 0.28 10.29
C PRO A 185 -21.73 -1.11 9.71
N ALA A 186 -23.00 -1.51 9.74
CA ALA A 186 -23.46 -2.85 9.31
C ALA A 186 -23.09 -3.11 7.84
N ASP A 187 -23.07 -2.08 6.99
CA ASP A 187 -22.82 -2.22 5.53
C ASP A 187 -21.36 -1.87 5.20
N GLY A 188 -20.48 -1.87 6.20
CA GLY A 188 -19.05 -1.50 6.05
C GLY A 188 -18.31 -2.37 5.03
N ARG A 189 -17.36 -1.77 4.33
CA ARG A 189 -16.41 -2.47 3.43
C ARG A 189 -15.02 -1.87 3.60
N MET A 190 -14.01 -2.69 3.36
CA MET A 190 -12.59 -2.27 3.41
C MET A 190 -11.84 -2.93 2.26
N THR A 191 -10.91 -2.21 1.64
CA THR A 191 -9.88 -2.81 0.76
C THR A 191 -8.52 -2.66 1.44
N VAL A 192 -7.74 -3.72 1.37
CA VAL A 192 -6.30 -3.70 1.74
C VAL A 192 -5.54 -4.19 0.53
N GLN A 193 -4.67 -3.34 -0.01
CA GLN A 193 -3.70 -3.71 -1.06
C GLN A 193 -2.37 -3.93 -0.35
N SER A 194 -1.76 -5.10 -0.53
CA SER A 194 -0.48 -5.44 0.16
C SER A 194 0.36 -6.33 -0.76
N SER A 195 1.66 -6.06 -0.78
CA SER A 195 2.68 -7.04 -1.21
C SER A 195 2.52 -8.28 -0.32
N VAL A 196 2.72 -9.46 -0.90
CA VAL A 196 2.59 -10.74 -0.16
C VAL A 196 3.73 -11.67 -0.58
N SER A 197 4.05 -12.59 0.32
CA SER A 197 4.92 -13.76 0.07
C SER A 197 4.04 -15.01 0.16
N TYR A 198 4.62 -16.16 -0.14
CA TYR A 198 3.94 -17.47 0.06
C TYR A 198 4.54 -18.12 1.31
N HIS A 199 3.74 -18.92 2.02
CA HIS A 199 4.22 -19.78 3.13
C HIS A 199 5.40 -20.60 2.61
N PRO A 200 6.46 -20.84 3.43
CA PRO A 200 7.56 -21.71 3.04
C PRO A 200 7.13 -23.05 2.42
N TYR A 201 6.03 -23.65 2.91
CA TYR A 201 5.50 -24.94 2.41
C TYR A 201 5.15 -24.78 0.92
N GLU A 202 4.47 -23.69 0.57
CA GLU A 202 4.01 -23.38 -0.82
C GLU A 202 5.24 -23.08 -1.69
N MET A 203 6.21 -22.33 -1.16
CA MET A 203 7.47 -22.00 -1.88
C MET A 203 8.27 -23.28 -2.18
N ALA A 204 8.31 -24.23 -1.23
CA ALA A 204 9.02 -25.53 -1.39
C ALA A 204 8.51 -26.26 -2.63
N ALA A 205 7.22 -26.12 -2.97
CA ALA A 205 6.57 -26.83 -4.11
C ALA A 205 7.25 -26.50 -5.44
N ARG A 206 7.80 -25.29 -5.58
N ARG A 206 7.79 -25.28 -5.58
CA ARG A 206 8.52 -24.82 -6.81
CA ARG A 206 8.50 -24.80 -6.80
C ARG A 206 9.98 -25.28 -6.79
C ARG A 206 9.98 -25.23 -6.75
N GLY A 207 10.37 -26.12 -5.82
CA GLY A 207 11.74 -26.61 -5.68
C GLY A 207 12.52 -25.79 -4.67
N LYS A 208 13.41 -26.45 -3.93
CA LYS A 208 14.12 -25.88 -2.77
C LYS A 208 15.04 -24.72 -3.21
N LYS A 209 15.70 -24.83 -4.36
CA LYS A 209 16.71 -23.82 -4.81
C LYS A 209 16.05 -22.45 -4.83
N LEU A 210 14.90 -22.33 -5.51
CA LEU A 210 14.17 -21.06 -5.69
C LEU A 210 13.54 -20.62 -4.37
N SER A 211 13.13 -21.56 -3.50
CA SER A 211 12.49 -21.26 -2.20
C SER A 211 13.48 -20.53 -1.26
N PHE A 212 14.70 -21.06 -1.12
CA PHE A 212 15.75 -20.46 -0.24
C PHE A 212 16.19 -19.10 -0.79
N GLU A 213 16.32 -19.00 -2.11
CA GLU A 213 16.73 -17.77 -2.84
C GLU A 213 15.69 -16.68 -2.59
N THR A 214 14.40 -17.01 -2.74
CA THR A 214 13.27 -16.08 -2.52
C THR A 214 13.25 -15.66 -1.04
N ALA A 215 13.38 -16.61 -0.11
CA ALA A 215 13.37 -16.36 1.36
C ALA A 215 14.48 -15.36 1.73
N ARG A 216 15.66 -15.47 1.12
CA ARG A 216 16.79 -14.54 1.40
C ARG A 216 16.48 -13.16 0.81
N PHE A 217 15.83 -13.09 -0.36
CA PHE A 217 15.46 -11.81 -0.98
C PHE A 217 14.39 -11.11 -0.12
N ILE A 218 13.45 -11.87 0.44
CA ILE A 218 12.40 -11.31 1.33
C ILE A 218 13.08 -10.73 2.57
N LYS A 219 14.05 -11.45 3.14
CA LYS A 219 14.79 -10.97 4.34
C LYS A 219 15.44 -9.62 4.03
N PHE A 220 16.02 -9.48 2.84
CA PHE A 220 16.64 -8.21 2.35
C PHE A 220 15.56 -7.11 2.34
N ILE A 221 14.41 -7.40 1.75
CA ILE A 221 13.29 -6.40 1.64
C ILE A 221 12.95 -5.86 3.04
N VAL A 222 12.79 -6.75 4.03
CA VAL A 222 12.28 -6.37 5.38
C VAL A 222 13.44 -6.04 6.32
N THR A 223 14.68 -5.95 5.80
CA THR A 223 15.86 -5.45 6.55
C THR A 223 16.22 -4.05 6.04
N GLU A 224 16.36 -3.88 4.72
CA GLU A 224 17.01 -2.70 4.09
C GLU A 224 16.00 -1.74 3.44
N ILE A 225 14.81 -2.22 3.06
CA ILE A 225 13.82 -1.43 2.26
C ILE A 225 12.62 -1.06 3.15
N PHE A 226 12.06 -2.04 3.85
CA PHE A 226 10.98 -1.86 4.87
C PHE A 226 11.48 -2.44 6.19
N PRO A 227 12.40 -1.74 6.89
CA PRO A 227 13.08 -2.30 8.06
C PRO A 227 12.12 -2.73 9.17
N GLY A 228 12.36 -3.93 9.73
CA GLY A 228 11.56 -4.52 10.82
C GLY A 228 10.24 -5.06 10.31
N GLY A 229 10.04 -5.10 8.99
CA GLY A 229 8.79 -5.49 8.34
C GLY A 229 8.54 -6.97 8.44
N ARG A 230 7.29 -7.38 8.26
CA ARG A 230 6.89 -8.80 8.07
C ARG A 230 5.91 -8.83 6.90
N LEU A 231 6.32 -9.45 5.79
CA LEU A 231 5.51 -9.56 4.54
C LEU A 231 4.47 -10.64 4.77
N PRO A 232 3.16 -10.31 4.77
CA PRO A 232 2.12 -11.31 5.00
C PRO A 232 1.93 -12.18 3.75
N SER A 233 1.17 -13.26 3.87
CA SER A 233 0.67 -14.06 2.73
C SER A 233 -0.78 -13.63 2.44
N THR A 234 -1.25 -13.87 1.23
CA THR A 234 -2.68 -13.69 0.87
C THR A 234 -3.53 -14.50 1.86
N GLU A 235 -3.14 -15.75 2.14
CA GLU A 235 -3.92 -16.63 3.06
C GLU A 235 -4.07 -15.97 4.45
N MET A 236 -3.02 -15.36 4.97
CA MET A 236 -3.08 -14.60 6.25
C MET A 236 -4.08 -13.45 6.12
N MET A 237 -3.98 -12.65 5.06
CA MET A 237 -4.85 -11.48 4.84
C MET A 237 -6.31 -11.95 4.83
N VAL A 238 -6.58 -13.06 4.15
CA VAL A 238 -7.96 -13.59 4.01
C VAL A 238 -8.43 -14.14 5.37
N GLU A 239 -7.65 -15.01 6.00
CA GLU A 239 -8.13 -15.79 7.18
C GLU A 239 -8.28 -14.87 8.40
N HIS A 240 -7.40 -13.88 8.57
CA HIS A 240 -7.53 -12.89 9.67
C HIS A 240 -8.80 -12.04 9.48
N GLY A 241 -9.12 -11.67 8.24
CA GLY A 241 -10.38 -10.97 7.91
C GLY A 241 -11.58 -11.80 8.28
N GLU A 242 -11.58 -13.08 7.89
CA GLU A 242 -12.73 -13.99 8.14
C GLU A 242 -12.92 -14.18 9.65
N LYS A 243 -11.83 -14.30 10.41
CA LYS A 243 -11.86 -14.51 11.88
C LYS A 243 -12.54 -13.31 12.55
N ALA A 244 -12.36 -12.10 12.01
CA ALA A 244 -12.95 -10.85 12.54
C ALA A 244 -14.44 -10.74 12.16
N GLY A 245 -14.93 -11.57 11.24
CA GLY A 245 -16.35 -11.63 10.84
C GLY A 245 -16.60 -11.17 9.42
N PHE A 246 -15.56 -10.79 8.67
CA PHE A 246 -15.71 -10.28 7.28
C PHE A 246 -15.95 -11.43 6.31
N THR A 247 -16.81 -11.18 5.32
CA THR A 247 -16.89 -11.91 4.03
C THR A 247 -15.70 -11.48 3.17
N VAL A 248 -14.96 -12.44 2.62
CA VAL A 248 -13.75 -12.16 1.80
C VAL A 248 -13.90 -12.87 0.45
N PRO A 249 -14.25 -12.12 -0.62
CA PRO A 249 -14.27 -12.69 -1.97
C PRO A 249 -12.86 -13.03 -2.43
N GLU A 250 -12.73 -13.59 -3.63
CA GLU A 250 -11.43 -13.97 -4.21
C GLU A 250 -10.55 -12.72 -4.32
N PRO A 251 -9.37 -12.70 -3.65
CA PRO A 251 -8.44 -11.57 -3.81
C PRO A 251 -8.05 -11.34 -5.27
N LEU A 252 -7.85 -10.07 -5.64
CA LEU A 252 -7.32 -9.68 -6.97
C LEU A 252 -5.80 -9.67 -6.89
N SER A 253 -5.15 -10.46 -7.75
CA SER A 253 -3.68 -10.41 -7.93
C SER A 253 -3.33 -9.24 -8.85
N LEU A 254 -2.40 -8.37 -8.42
CA LEU A 254 -1.89 -7.23 -9.23
C LEU A 254 -0.49 -7.57 -9.79
N ARG A 255 -0.08 -8.84 -9.74
CA ARG A 255 1.28 -9.29 -10.14
C ARG A 255 1.71 -8.64 -11.45
N PRO A 256 0.97 -8.79 -12.58
CA PRO A 256 1.43 -8.28 -13.87
C PRO A 256 1.57 -6.74 -13.89
N HIS A 257 0.75 -6.05 -13.09
CA HIS A 257 0.78 -4.58 -12.93
C HIS A 257 2.02 -4.17 -12.13
N TYR A 258 2.41 -4.95 -11.12
CA TYR A 258 3.57 -4.61 -10.28
C TYR A 258 4.85 -4.81 -11.09
N ILE A 259 4.88 -5.83 -11.95
CA ILE A 259 6.01 -6.07 -12.91
C ILE A 259 6.20 -4.81 -13.75
N LYS A 260 5.13 -4.28 -14.35
CA LYS A 260 5.16 -3.05 -15.19
C LYS A 260 5.60 -1.86 -14.34
N THR A 261 5.05 -1.70 -13.13
CA THR A 261 5.37 -0.60 -12.19
C THR A 261 6.87 -0.64 -11.86
N LEU A 262 7.39 -1.80 -11.45
CA LEU A 262 8.79 -1.98 -11.00
C LEU A 262 9.77 -1.76 -12.16
N ARG A 263 9.39 -2.17 -13.38
CA ARG A 263 10.20 -1.98 -14.61
C ARG A 263 10.38 -0.47 -14.86
N ILE A 264 9.30 0.30 -14.74
CA ILE A 264 9.33 1.78 -14.97
C ILE A 264 10.12 2.45 -13.83
N TRP A 265 9.87 2.06 -12.57
CA TRP A 265 10.61 2.58 -11.38
C TRP A 265 12.11 2.35 -11.55
N GLY A 266 12.49 1.10 -11.85
CA GLY A 266 13.90 0.69 -12.07
C GLY A 266 14.54 1.48 -13.20
N ASP A 267 13.87 1.55 -14.36
CA ASP A 267 14.34 2.28 -15.57
C ASP A 267 14.48 3.77 -15.26
N THR A 268 13.56 4.33 -14.47
CA THR A 268 13.55 5.78 -14.11
C THR A 268 14.71 6.06 -13.13
N LEU A 269 14.89 5.24 -12.09
CA LEU A 269 15.99 5.41 -11.11
C LEU A 269 17.34 5.34 -11.83
N GLN A 270 17.53 4.36 -12.72
CA GLN A 270 18.77 4.15 -13.50
C GLN A 270 19.07 5.40 -14.34
N SER A 271 18.03 5.99 -14.96
CA SER A 271 18.14 7.22 -15.79
C SER A 271 18.58 8.42 -14.94
N ASN A 272 18.25 8.42 -13.64
CA ASN A 272 18.55 9.52 -12.68
C ASN A 272 19.68 9.10 -11.72
N LYS A 273 20.55 8.18 -12.13
CA LYS A 273 21.61 7.57 -11.27
C LYS A 273 22.46 8.67 -10.61
N ASP A 274 23.02 9.57 -11.42
CA ASP A 274 23.92 10.67 -10.96
C ASP A 274 23.18 11.53 -9.94
N LYS A 275 21.96 12.00 -10.28
CA LYS A 275 21.07 12.78 -9.38
C LYS A 275 20.85 12.00 -8.07
N ALA A 276 20.48 10.72 -8.17
CA ALA A 276 20.11 9.85 -7.03
C ALA A 276 21.32 9.67 -6.10
N ILE A 277 22.52 9.45 -6.66
CA ILE A 277 23.79 9.25 -5.89
C ILE A 277 24.14 10.57 -5.17
N GLU A 278 23.98 11.70 -5.86
CA GLU A 278 24.24 13.06 -5.31
C GLU A 278 23.39 13.28 -4.05
N VAL A 279 22.10 12.92 -4.12
CA VAL A 279 21.09 13.15 -3.04
C VAL A 279 21.32 12.17 -1.87
N THR A 280 21.81 10.96 -2.15
CA THR A 280 22.05 9.90 -1.12
C THR A 280 23.50 9.40 -1.23
N SER A 281 23.72 8.27 -1.90
CA SER A 281 25.03 7.59 -2.05
C SER A 281 24.92 6.46 -3.08
N GLU A 282 26.06 5.97 -3.59
CA GLU A 282 26.14 4.81 -4.50
C GLU A 282 25.52 3.59 -3.80
N GLU A 283 25.73 3.48 -2.49
CA GLU A 283 25.14 2.43 -1.63
C GLU A 283 23.62 2.43 -1.79
N VAL A 284 22.97 3.56 -1.49
CA VAL A 284 21.48 3.70 -1.49
C VAL A 284 20.96 3.45 -2.91
N TYR A 285 21.63 3.98 -3.94
CA TYR A 285 21.26 3.75 -5.37
C TYR A 285 21.28 2.24 -5.68
N ASN A 286 22.37 1.55 -5.33
CA ASN A 286 22.54 0.09 -5.58
C ASN A 286 21.46 -0.69 -4.83
N ARG A 287 21.20 -0.32 -3.57
CA ARG A 287 20.17 -0.93 -2.70
C ARG A 287 18.81 -0.92 -3.41
N TYR A 288 18.40 0.23 -3.96
CA TYR A 288 17.04 0.40 -4.53
C TYR A 288 17.00 -0.20 -5.94
N MET A 289 18.09 -0.17 -6.70
CA MET A 289 18.15 -0.90 -8.00
C MET A 289 18.02 -2.41 -7.74
N LYS A 290 18.62 -2.92 -6.66
CA LYS A 290 18.53 -4.35 -6.26
C LYS A 290 17.08 -4.69 -5.91
N TYR A 291 16.44 -3.83 -5.11
CA TYR A 291 15.02 -3.97 -4.70
C TYR A 291 14.12 -4.00 -5.94
N LEU A 292 14.26 -3.02 -6.84
CA LEU A 292 13.34 -2.81 -7.99
C LEU A 292 13.54 -3.93 -9.03
N ARG A 293 14.78 -4.17 -9.44
CA ARG A 293 15.12 -5.27 -10.39
C ARG A 293 14.77 -6.61 -9.75
N GLY A 294 15.14 -6.80 -8.47
CA GLY A 294 14.87 -8.05 -7.71
C GLY A 294 13.39 -8.35 -7.63
N CYS A 295 12.57 -7.40 -7.19
CA CYS A 295 11.09 -7.60 -7.09
C CYS A 295 10.53 -7.94 -8.46
N GLU A 296 10.94 -7.25 -9.52
CA GLU A 296 10.42 -7.49 -10.90
C GLU A 296 10.71 -8.96 -11.27
N HIS A 297 11.90 -9.44 -10.93
CA HIS A 297 12.36 -10.83 -11.21
C HIS A 297 11.45 -11.84 -10.50
N TYR A 298 11.27 -11.72 -9.19
CA TYR A 298 10.55 -12.71 -8.35
C TYR A 298 9.04 -12.65 -8.60
N PHE A 299 8.53 -11.47 -9.01
CA PHE A 299 7.14 -11.30 -9.48
C PHE A 299 6.96 -12.07 -10.79
N THR A 300 7.87 -11.89 -11.75
CA THR A 300 7.87 -12.59 -13.07
C THR A 300 7.92 -14.11 -12.84
N ASP A 301 8.69 -14.56 -11.84
CA ASP A 301 8.90 -15.98 -11.48
C ASP A 301 7.78 -16.49 -10.54
N GLU A 302 6.81 -15.62 -10.20
CA GLU A 302 5.60 -15.97 -9.41
C GLU A 302 5.99 -16.50 -8.03
N MET A 303 7.05 -15.94 -7.43
CA MET A 303 7.50 -16.26 -6.05
C MET A 303 7.09 -15.13 -5.08
N LEU A 304 6.68 -13.97 -5.61
CA LEU A 304 6.01 -12.89 -4.84
C LEU A 304 4.68 -12.55 -5.53
N ASP A 305 3.80 -11.88 -4.81
CA ASP A 305 2.50 -11.43 -5.37
C ASP A 305 2.15 -10.11 -4.71
N CYS A 306 1.12 -9.46 -5.23
CA CYS A 306 0.48 -8.27 -4.63
C CYS A 306 -1.02 -8.49 -4.68
N SER A 307 -1.68 -8.48 -3.52
CA SER A 307 -3.11 -8.83 -3.37
C SER A 307 -3.91 -7.56 -3.04
N LEU A 308 -4.98 -7.31 -3.78
CA LEU A 308 -6.03 -6.36 -3.37
C LEU A 308 -7.18 -7.19 -2.80
N VAL A 309 -7.32 -7.19 -1.48
CA VAL A 309 -8.31 -8.01 -0.74
C VAL A 309 -9.47 -7.10 -0.34
N THR A 310 -10.70 -7.53 -0.63
CA THR A 310 -11.93 -6.82 -0.22
C THR A 310 -12.51 -7.53 1.01
N TYR A 311 -12.89 -6.76 2.02
CA TYR A 311 -13.49 -7.23 3.29
C TYR A 311 -14.89 -6.63 3.40
N LEU A 312 -15.92 -7.48 3.39
CA LEU A 312 -17.33 -7.06 3.42
C LEU A 312 -17.94 -7.43 4.77
N LYS A 313 -18.56 -6.47 5.45
CA LYS A 313 -19.32 -6.75 6.68
C LYS A 313 -20.58 -7.52 6.29
N PRO A 314 -21.17 -8.28 7.23
CA PRO A 314 -22.37 -9.09 6.95
C PRO A 314 -23.52 -8.35 6.26
N GLY A 315 -23.70 -7.07 6.57
CA GLY A 315 -24.78 -6.22 6.04
C GLY A 315 -24.37 -5.40 4.83
N ALA A 316 -23.19 -5.69 4.23
CA ALA A 316 -22.71 -4.98 3.02
C ALA A 316 -23.74 -5.16 1.88
N ALA A 317 -24.01 -4.08 1.13
CA ALA A 317 -24.86 -4.10 -0.08
C ALA A 317 -24.34 -5.18 -1.04
N ALA A 318 -25.25 -5.84 -1.77
CA ALA A 318 -24.92 -6.93 -2.72
C ALA A 318 -24.59 -6.34 -4.09
#